data_5RBR
#
_entry.id   5RBR
#
_cell.length_a   45.285
_cell.length_b   72.924
_cell.length_c   52.486
_cell.angle_alpha   90.000
_cell.angle_beta   109.250
_cell.angle_gamma   90.000
#
_symmetry.space_group_name_H-M   'P 1 21 1'
#
loop_
_entity.id
_entity.type
_entity.pdbx_description
1 polymer Endothiapepsin
2 non-polymer 2-hydrazinyl-4-methoxypyrimidine
3 non-polymer 'DIMETHYL SULFOXIDE'
4 non-polymer GLYCEROL
5 non-polymer 'ACETATE ION'
6 non-polymer 'TETRAETHYLENE GLYCOL'
7 non-polymer 'SODIUM ION'
8 water water
#
_entity_poly.entity_id   1
_entity_poly.type   'polypeptide(L)'
_entity_poly.pdbx_seq_one_letter_code
;MSSPLKNALVTAMLAGGALSSPTKQHVGIPVNASPEVGPGKYSFKQVRNPNYKFNGPLSVKKTYLKYGVPIPAWLEDAVQ
NSTSGLAERSTGSATTTPIDSLDDAYITPVQIGTPAQTLNLDFDTGSSDLWVFSSETTASEVDGQTIYTPSKSTTAKLLS
GATWSISYGDGSSSSGDVYTDTVSVGGLTVTGQAVESAKKVSSSFTEDSTIDGLLGLAFSTLNTVSPTQQKTFFDNAKAS
LDSPVFTADLGYHAPGTYNFGFIDTTAYTGSITYTAVSTKQGFWEWTSTGYAVGSGTFKSTSIDGIADTGTTLLYLPATV
VSAYWAQVSGAKSSSSVGGYVFPCSATLPSFTFGVGSARIVIPGDYIDFGPISTGSSSCFGGIQSSAGIGINIFGDVALK
AAFVVFNGATTPTLGFASK
;
_entity_poly.pdbx_strand_id   A
#
loop_
_chem_comp.id
_chem_comp.type
_chem_comp.name
_chem_comp.formula
ACT non-polymer 'ACETATE ION' 'C2 H3 O2 -1'
DMS non-polymer 'DIMETHYL SULFOXIDE' 'C2 H6 O S'
GOL non-polymer GLYCEROL 'C3 H8 O3'
NA non-polymer 'SODIUM ION' 'Na 1'
PG4 non-polymer 'TETRAETHYLENE GLYCOL' 'C8 H18 O5'
R8S non-polymer 2-hydrazinyl-4-methoxypyrimidine 'C5 H8 N4 O'
#
# COMPACT_ATOMS: atom_id res chain seq x y z
N SER A 90 22.41 -12.91 -5.32
CA SER A 90 21.26 -13.00 -6.24
C SER A 90 20.45 -11.70 -6.18
N THR A 91 19.60 -11.54 -7.17
CA THR A 91 18.65 -10.43 -7.21
C THR A 91 17.36 -10.93 -7.81
N GLY A 92 16.30 -10.13 -7.67
CA GLY A 92 15.06 -10.34 -8.42
C GLY A 92 14.49 -9.02 -8.83
N SER A 93 13.67 -9.00 -9.87
CA SER A 93 13.02 -7.79 -10.35
C SER A 93 11.69 -8.14 -10.95
N ALA A 94 10.60 -7.61 -10.47
CA ALA A 94 9.28 -7.94 -10.96
C ALA A 94 8.48 -6.68 -11.18
N THR A 95 7.67 -6.67 -12.20
CA THR A 95 6.77 -5.56 -12.46
C THR A 95 5.53 -5.68 -11.61
N THR A 96 5.06 -4.57 -11.04
CA THR A 96 3.83 -4.50 -10.27
C THR A 96 2.84 -3.64 -11.00
N THR A 97 1.59 -4.03 -11.06
CA THR A 97 0.58 -3.45 -11.97
C THR A 97 -0.63 -3.04 -11.15
N PRO A 98 -1.18 -1.86 -11.40
N PRO A 98 -1.14 -1.77 -11.21
N PRO A 98 -1.18 -1.84 -11.37
N PRO A 98 -1.14 -1.78 -11.24
CA PRO A 98 -2.42 -1.49 -10.72
CA PRO A 98 -2.39 -1.44 -10.51
CA PRO A 98 -2.41 -1.46 -10.71
CA PRO A 98 -2.38 -1.44 -10.53
C PRO A 98 -3.56 -2.48 -11.01
C PRO A 98 -3.54 -2.35 -10.97
C PRO A 98 -3.55 -2.44 -11.01
C PRO A 98 -3.54 -2.34 -10.97
N ILE A 99 -4.38 -2.71 -10.01
CA ILE A 99 -5.52 -3.62 -10.24
C ILE A 99 -6.66 -2.94 -10.93
N ASP A 100 -6.66 -1.59 -11.04
N ASP A 100 -6.66 -1.60 -11.03
N ASP A 100 -6.80 -1.67 -10.73
N ASP A 100 -6.80 -1.65 -10.74
CA ASP A 100 -7.78 -0.81 -11.62
CA ASP A 100 -7.78 -0.81 -11.62
CA ASP A 100 -7.99 -0.97 -11.25
CA ASP A 100 -7.99 -0.95 -11.25
C ASP A 100 -7.29 0.59 -11.94
C ASP A 100 -7.29 0.59 -11.94
C ASP A 100 -7.57 0.45 -11.57
C ASP A 100 -7.57 0.48 -11.56
N SER A 101 -8.20 1.40 -12.47
N SER A 101 -8.20 1.40 -12.47
N SER A 101 -8.54 1.24 -12.01
N SER A 101 -8.53 1.26 -12.03
CA SER A 101 -7.86 2.74 -12.99
CA SER A 101 -7.86 2.74 -12.99
CA SER A 101 -8.30 2.61 -12.53
CA SER A 101 -8.28 2.62 -12.55
C SER A 101 -7.57 3.73 -11.86
C SER A 101 -7.57 3.74 -11.86
C SER A 101 -7.96 3.59 -11.40
C SER A 101 -7.96 3.61 -11.41
N LEU A 102 -7.81 3.37 -10.60
N LEU A 102 -7.81 3.37 -10.60
N LEU A 102 -8.12 3.16 -10.14
N LEU A 102 -8.11 3.17 -10.15
CA LEU A 102 -7.62 4.27 -9.44
CA LEU A 102 -7.62 4.26 -9.43
CA LEU A 102 -7.88 4.03 -8.98
CA LEU A 102 -7.89 4.03 -8.98
C LEU A 102 -6.33 3.93 -8.69
C LEU A 102 -6.33 3.94 -8.68
C LEU A 102 -6.60 3.67 -8.27
C LEU A 102 -6.59 3.67 -8.27
N ASP A 103 -5.62 2.89 -9.07
N ASP A 103 -5.62 2.89 -9.07
N ASP A 103 -5.85 2.68 -8.74
N ASP A 103 -5.84 2.69 -8.75
CA ASP A 103 -4.45 2.43 -8.30
CA ASP A 103 -4.45 2.43 -8.30
CA ASP A 103 -4.65 2.20 -8.00
CA ASP A 103 -4.64 2.21 -8.01
C ASP A 103 -4.88 1.98 -6.91
C ASP A 103 -4.88 1.98 -6.91
C ASP A 103 -5.09 1.78 -6.61
C ASP A 103 -5.08 1.78 -6.62
N ASP A 104 -5.99 1.24 -6.80
N ASP A 104 -5.98 1.24 -6.80
N ASP A 104 -6.19 1.07 -6.51
N ASP A 104 -6.19 1.08 -6.52
CA ASP A 104 -6.45 0.81 -5.46
CA ASP A 104 -6.45 0.81 -5.46
CA ASP A 104 -6.59 0.59 -5.18
CA ASP A 104 -6.60 0.60 -5.18
C ASP A 104 -5.53 -0.21 -4.77
C ASP A 104 -5.53 -0.21 -4.77
C ASP A 104 -5.44 -0.25 -4.64
C ASP A 104 -5.45 -0.25 -4.64
N ALA A 105 -4.79 -0.98 -5.54
CA ALA A 105 -3.75 -1.90 -5.08
C ALA A 105 -2.95 -2.25 -6.29
N TYR A 106 -1.87 -2.96 -6.08
CA TYR A 106 -0.95 -3.37 -7.14
C TYR A 106 -0.74 -4.88 -7.00
N ILE A 107 -0.66 -5.56 -8.11
CA ILE A 107 -0.40 -7.00 -8.14
C ILE A 107 0.90 -7.30 -8.86
N THR A 108 1.61 -8.30 -8.34
CA THR A 108 2.91 -8.71 -8.83
C THR A 108 2.85 -10.21 -9.06
N PRO A 109 3.28 -10.73 -10.21
CA PRO A 109 3.23 -12.16 -10.42
C PRO A 109 4.29 -12.86 -9.58
N VAL A 110 3.90 -14.00 -9.03
CA VAL A 110 4.75 -14.82 -8.16
C VAL A 110 4.61 -16.27 -8.58
N GLN A 111 5.74 -16.94 -8.76
CA GLN A 111 5.75 -18.37 -9.13
C GLN A 111 5.80 -19.20 -7.88
N ILE A 112 4.88 -20.13 -7.72
CA ILE A 112 4.84 -21.00 -6.52
C ILE A 112 4.81 -22.45 -7.01
N GLY A 113 5.68 -23.27 -6.47
CA GLY A 113 5.59 -24.72 -6.73
C GLY A 113 6.33 -25.15 -7.95
N THR A 114 6.23 -26.48 -8.20
CA THR A 114 6.94 -27.14 -9.32
C THR A 114 5.99 -28.13 -9.95
N PRO A 115 5.61 -28.00 -11.23
CA PRO A 115 5.90 -26.85 -12.08
C PRO A 115 5.30 -25.57 -11.51
N ALA A 116 5.78 -24.42 -11.96
CA ALA A 116 5.34 -23.14 -11.41
C ALA A 116 3.84 -22.98 -11.60
N GLN A 117 3.22 -22.47 -10.55
CA GLN A 117 1.87 -21.91 -10.58
C GLN A 117 2.01 -20.41 -10.35
N THR A 118 1.62 -19.60 -11.30
CA THR A 118 1.79 -18.15 -11.19
C THR A 118 0.52 -17.54 -10.63
N LEU A 119 0.66 -16.88 -9.49
CA LEU A 119 -0.43 -16.15 -8.85
C LEU A 119 -0.06 -14.68 -8.76
N ASN A 120 -1.04 -13.81 -8.83
CA ASN A 120 -0.81 -12.37 -8.77
C ASN A 120 -1.07 -11.89 -7.34
N LEU A 121 -0.01 -11.55 -6.63
CA LEU A 121 -0.11 -11.24 -5.21
C LEU A 121 0.07 -9.75 -4.95
N ASP A 122 -0.56 -9.32 -3.88
CA ASP A 122 -0.45 -7.95 -3.38
C ASP A 122 0.69 -7.86 -2.42
N PHE A 123 1.79 -7.25 -2.81
CA PHE A 123 2.99 -7.12 -1.96
C PHE A 123 2.70 -6.07 -0.89
N ASP A 124 2.82 -6.45 0.37
CA ASP A 124 2.30 -5.65 1.46
C ASP A 124 3.39 -5.43 2.49
N THR A 125 4.02 -4.27 2.51
CA THR A 125 5.03 -3.95 3.50
C THR A 125 4.43 -3.67 4.88
N GLY A 126 3.14 -3.75 5.04
CA GLY A 126 2.46 -3.65 6.32
C GLY A 126 2.01 -4.96 6.91
N SER A 127 2.38 -6.10 6.38
CA SER A 127 2.05 -7.38 6.99
C SER A 127 3.12 -8.38 6.64
N SER A 128 3.01 -9.58 7.21
CA SER A 128 4.16 -10.52 7.20
C SER A 128 3.76 -11.92 6.87
N ASP A 129 2.63 -12.12 6.23
CA ASP A 129 2.14 -13.44 5.82
C ASP A 129 2.11 -13.49 4.30
N LEU A 130 2.55 -14.60 3.73
CA LEU A 130 2.39 -14.89 2.30
C LEU A 130 1.26 -15.89 2.25
N TRP A 131 0.09 -15.44 1.85
CA TRP A 131 -1.07 -16.34 1.81
C TRP A 131 -1.72 -16.25 0.45
N VAL A 132 -2.34 -17.34 0.07
CA VAL A 132 -2.91 -17.49 -1.28
C VAL A 132 -4.27 -18.11 -1.22
N PHE A 133 -5.11 -17.72 -2.16
CA PHE A 133 -6.28 -18.54 -2.58
C PHE A 133 -5.74 -19.88 -3.03
N SER A 134 -6.49 -20.94 -2.72
CA SER A 134 -5.98 -22.27 -2.93
C SER A 134 -7.13 -23.24 -3.26
N SER A 135 -6.72 -24.46 -3.57
CA SER A 135 -7.64 -25.62 -3.71
C SER A 135 -8.35 -25.90 -2.41
N GLU A 136 -7.93 -25.36 -1.29
CA GLU A 136 -8.54 -25.57 0.03
C GLU A 136 -9.53 -24.46 0.34
N THR A 137 -9.56 -23.38 -0.43
CA THR A 137 -10.44 -22.26 -0.07
C THR A 137 -11.91 -22.67 -0.30
N THR A 138 -12.72 -22.41 0.70
CA THR A 138 -14.19 -22.63 0.62
C THR A 138 -14.68 -22.18 -0.74
N ALA A 139 -15.35 -23.04 -1.49
CA ALA A 139 -15.60 -22.81 -2.92
C ALA A 139 -16.45 -21.56 -3.12
N SER A 140 -17.40 -21.32 -2.24
CA SER A 140 -18.28 -20.15 -2.36
C SER A 140 -17.54 -18.82 -2.13
N GLU A 141 -16.32 -18.88 -1.58
CA GLU A 141 -15.49 -17.69 -1.29
C GLU A 141 -14.50 -17.45 -2.42
N VAL A 142 -14.50 -18.23 -3.45
CA VAL A 142 -13.61 -18.02 -4.61
C VAL A 142 -14.47 -17.52 -5.75
N ASP A 143 -14.12 -16.42 -6.37
CA ASP A 143 -14.85 -15.85 -7.51
C ASP A 143 -13.85 -15.20 -8.48
N GLY A 144 -13.19 -15.99 -9.27
CA GLY A 144 -12.35 -15.53 -10.36
C GLY A 144 -10.87 -15.56 -10.05
N GLN A 145 -10.47 -15.72 -8.79
CA GLN A 145 -9.04 -15.73 -8.45
C GLN A 145 -8.38 -16.96 -9.02
N THR A 146 -7.10 -16.89 -9.28
CA THR A 146 -6.28 -18.04 -9.56
C THR A 146 -5.90 -18.68 -8.25
N ILE A 147 -5.96 -19.98 -8.15
CA ILE A 147 -5.68 -20.71 -6.92
C ILE A 147 -4.38 -21.48 -7.03
N TYR A 148 -3.73 -21.62 -5.89
CA TYR A 148 -2.62 -22.53 -5.68
C TYR A 148 -3.16 -23.92 -5.30
N THR A 149 -2.68 -24.94 -6.00
CA THR A 149 -3.09 -26.33 -5.71
C THR A 149 -1.84 -27.08 -5.27
N PRO A 150 -1.62 -27.25 -3.96
CA PRO A 150 -0.38 -27.88 -3.51
C PRO A 150 -0.23 -29.31 -4.01
N SER A 151 -1.33 -30.01 -4.21
CA SER A 151 -1.26 -31.42 -4.65
C SER A 151 -0.67 -31.51 -6.04
N LYS A 152 -0.59 -30.44 -6.82
CA LYS A 152 -0.02 -30.46 -8.17
C LYS A 152 1.43 -29.99 -8.15
N SER A 153 1.97 -29.67 -6.99
CA SER A 153 3.37 -29.21 -6.87
C SER A 153 4.23 -30.32 -6.28
N THR A 154 5.26 -30.71 -6.98
CA THR A 154 6.13 -31.81 -6.53
C THR A 154 6.96 -31.37 -5.36
N THR A 155 7.10 -30.06 -5.11
CA THR A 155 7.93 -29.53 -4.05
C THR A 155 7.08 -29.07 -2.84
N ALA A 156 5.79 -29.16 -2.90
CA ALA A 156 4.96 -28.73 -1.77
C ALA A 156 5.01 -29.77 -0.66
N LYS A 157 4.85 -29.31 0.55
N LYS A 157 5.21 -29.32 0.59
N LYS A 157 4.89 -29.31 0.57
N LYS A 157 5.21 -29.32 0.59
CA LYS A 157 4.82 -30.23 1.69
CA LYS A 157 5.16 -30.14 1.85
CA LYS A 157 4.86 -30.23 1.71
CA LYS A 157 5.15 -30.14 1.84
C LYS A 157 4.11 -29.54 2.82
C LYS A 157 4.08 -29.53 2.77
C LYS A 157 4.13 -29.55 2.83
C LYS A 157 4.08 -29.53 2.77
N LEU A 158 3.14 -30.27 3.34
CA LEU A 158 2.33 -29.74 4.44
C LEU A 158 3.26 -29.38 5.58
N LEU A 159 3.07 -28.23 6.17
CA LEU A 159 3.77 -27.87 7.40
C LEU A 159 2.83 -28.31 8.53
N SER A 160 3.02 -29.56 8.96
N SER A 160 3.21 -29.41 9.16
N SER A 160 3.02 -29.56 8.95
N SER A 160 3.21 -29.43 9.14
CA SER A 160 2.02 -30.26 9.77
CA SER A 160 2.28 -30.23 9.96
CA SER A 160 2.04 -30.28 9.77
CA SER A 160 2.28 -30.24 9.95
C SER A 160 1.76 -29.51 11.07
C SER A 160 1.81 -29.45 11.18
C SER A 160 1.77 -29.52 11.06
C SER A 160 1.81 -29.45 11.17
N GLY A 161 0.48 -29.30 11.33
CA GLY A 161 -0.02 -28.66 12.54
C GLY A 161 -0.08 -27.17 12.46
N ALA A 162 0.51 -26.56 11.44
CA ALA A 162 0.59 -25.08 11.42
C ALA A 162 -0.72 -24.51 10.88
N THR A 163 -1.18 -23.47 11.53
CA THR A 163 -2.33 -22.69 11.07
C THR A 163 -1.99 -21.23 11.10
N TRP A 164 -2.85 -20.45 10.46
CA TRP A 164 -2.66 -19.01 10.41
C TRP A 164 -4.03 -18.34 10.37
N SER A 165 -4.05 -17.11 10.80
CA SER A 165 -5.27 -16.29 10.82
C SER A 165 -4.86 -14.85 10.97
N ILE A 166 -5.34 -14.03 10.04
CA ILE A 166 -4.92 -12.62 10.00
C ILE A 166 -6.14 -11.73 9.77
N SER A 167 -6.06 -10.55 10.37
CA SER A 167 -7.06 -9.49 10.19
C SER A 167 -6.33 -8.24 9.80
N TYR A 168 -6.81 -7.52 8.82
CA TYR A 168 -6.16 -6.30 8.33
C TYR A 168 -6.88 -5.07 8.86
N GLY A 169 -6.25 -3.91 8.66
CA GLY A 169 -6.77 -2.63 9.16
C GLY A 169 -8.09 -2.24 8.54
N ASP A 170 -8.45 -2.75 7.37
CA ASP A 170 -9.74 -2.47 6.70
C ASP A 170 -10.84 -3.44 7.18
N GLY A 171 -10.59 -4.32 8.14
CA GLY A 171 -11.61 -5.27 8.62
C GLY A 171 -11.61 -6.58 7.87
N SER A 172 -10.81 -6.73 6.83
CA SER A 172 -10.77 -7.99 6.07
C SER A 172 -9.92 -9.02 6.84
N SER A 173 -10.11 -10.26 6.44
CA SER A 173 -9.44 -11.38 7.14
C SER A 173 -9.37 -12.60 6.26
N SER A 174 -8.48 -13.50 6.70
CA SER A 174 -8.33 -14.79 6.04
C SER A 174 -7.62 -15.72 7.05
N SER A 175 -7.75 -17.02 6.78
CA SER A 175 -7.13 -18.02 7.66
C SER A 175 -7.01 -19.34 6.93
N GLY A 176 -6.16 -20.23 7.47
CA GLY A 176 -6.02 -21.53 6.86
C GLY A 176 -4.88 -22.32 7.47
N ASP A 177 -4.31 -23.18 6.61
CA ASP A 177 -3.18 -24.04 6.95
C ASP A 177 -1.97 -23.69 6.11
N VAL A 178 -0.89 -24.44 6.19
CA VAL A 178 0.40 -23.96 5.67
C VAL A 178 1.11 -25.07 4.97
N TYR A 179 1.70 -24.77 3.84
CA TYR A 179 2.63 -25.63 3.09
C TYR A 179 3.97 -24.95 3.03
N THR A 180 5.02 -25.68 2.84
CA THR A 180 6.26 -25.06 2.36
C THR A 180 6.41 -25.42 0.91
N ASP A 181 6.97 -24.48 0.13
CA ASP A 181 7.15 -24.74 -1.31
C ASP A 181 8.20 -23.75 -1.79
N THR A 182 8.59 -23.94 -3.05
CA THR A 182 9.50 -23.02 -3.74
C THR A 182 8.74 -21.83 -4.26
N VAL A 183 9.23 -20.64 -3.97
CA VAL A 183 8.56 -19.39 -4.38
C VAL A 183 9.60 -18.55 -5.09
N SER A 184 9.23 -18.03 -6.26
CA SER A 184 10.13 -17.16 -7.02
C SER A 184 9.42 -15.87 -7.34
N VAL A 185 10.16 -14.78 -7.21
CA VAL A 185 9.68 -13.42 -7.56
C VAL A 185 10.70 -12.80 -8.48
N GLY A 186 10.31 -12.54 -9.72
CA GLY A 186 11.20 -11.81 -10.60
C GLY A 186 12.53 -12.47 -10.80
N GLY A 187 12.58 -13.79 -10.79
CA GLY A 187 13.82 -14.53 -10.96
C GLY A 187 14.55 -14.86 -9.68
N LEU A 188 14.14 -14.38 -8.53
CA LEU A 188 14.75 -14.70 -7.23
C LEU A 188 13.96 -15.82 -6.58
N THR A 189 14.63 -16.91 -6.26
CA THR A 189 13.96 -18.13 -5.75
C THR A 189 14.29 -18.35 -4.30
N VAL A 190 13.28 -18.67 -3.53
CA VAL A 190 13.41 -19.17 -2.14
C VAL A 190 12.85 -20.57 -2.07
N THR A 191 13.62 -21.50 -1.55
CA THR A 191 13.08 -22.82 -1.24
C THR A 191 12.61 -22.89 0.19
N GLY A 192 11.60 -23.70 0.43
CA GLY A 192 11.12 -23.87 1.80
C GLY A 192 10.34 -22.67 2.30
N GLN A 193 9.79 -21.83 1.45
CA GLN A 193 8.98 -20.70 1.88
C GLN A 193 7.65 -21.19 2.43
N ALA A 194 7.22 -20.63 3.55
CA ALA A 194 5.86 -20.90 4.04
C ALA A 194 4.84 -20.21 3.13
N VAL A 195 3.99 -20.99 2.55
CA VAL A 195 2.89 -20.58 1.68
C VAL A 195 1.63 -20.90 2.45
N GLU A 196 0.94 -19.87 2.92
CA GLU A 196 -0.22 -20.02 3.80
C GLU A 196 -1.42 -20.19 2.89
N SER A 197 -2.04 -21.33 2.92
CA SER A 197 -3.18 -21.69 2.06
C SER A 197 -4.46 -21.29 2.72
N ALA A 198 -5.28 -20.44 2.11
CA ALA A 198 -6.52 -19.99 2.71
C ALA A 198 -7.56 -21.10 2.66
N LYS A 199 -8.15 -21.37 3.80
CA LYS A 199 -9.41 -22.13 3.88
C LYS A 199 -10.60 -21.17 3.87
N LYS A 200 -10.47 -19.98 4.42
CA LYS A 200 -11.52 -18.97 4.53
C LYS A 200 -10.94 -17.62 4.19
N VAL A 201 -11.71 -16.84 3.45
CA VAL A 201 -11.35 -15.43 3.21
C VAL A 201 -12.60 -14.59 3.44
N SER A 202 -12.46 -13.37 3.82
CA SER A 202 -13.61 -12.46 4.02
C SER A 202 -14.09 -11.92 2.68
N SER A 203 -15.28 -11.33 2.72
CA SER A 203 -15.99 -10.94 1.51
C SER A 203 -15.17 -9.99 0.63
N SER A 204 -14.39 -9.10 1.19
CA SER A 204 -13.67 -8.13 0.34
C SER A 204 -12.66 -8.88 -0.50
N PHE A 205 -12.09 -9.99 -0.02
CA PHE A 205 -11.14 -10.77 -0.83
C PHE A 205 -11.91 -11.47 -1.92
N THR A 206 -13.00 -12.15 -1.60
CA THR A 206 -13.77 -12.87 -2.63
C THR A 206 -14.16 -11.93 -3.77
N GLU A 207 -14.58 -10.74 -3.38
CA GLU A 207 -15.18 -9.75 -4.32
C GLU A 207 -14.10 -9.17 -5.21
N ASP A 208 -12.82 -9.34 -4.89
CA ASP A 208 -11.74 -8.77 -5.71
C ASP A 208 -11.07 -9.90 -6.48
N SER A 209 -11.49 -10.13 -7.68
CA SER A 209 -11.01 -11.24 -8.52
C SER A 209 -9.58 -11.07 -8.96
N THR A 210 -9.02 -9.86 -8.82
CA THR A 210 -7.68 -9.54 -9.35
C THR A 210 -6.56 -9.90 -8.39
N ILE A 211 -6.86 -10.14 -7.12
CA ILE A 211 -5.82 -10.39 -6.11
C ILE A 211 -5.90 -11.83 -5.67
N ASP A 212 -4.86 -12.62 -5.92
CA ASP A 212 -4.84 -14.05 -5.60
C ASP A 212 -4.25 -14.34 -4.26
N GLY A 213 -3.85 -13.31 -3.51
CA GLY A 213 -3.27 -13.44 -2.19
C GLY A 213 -2.34 -12.30 -1.92
N LEU A 214 -1.67 -12.37 -0.77
CA LEU A 214 -0.78 -11.31 -0.26
C LEU A 214 0.61 -11.86 -0.09
N LEU A 215 1.61 -11.03 -0.28
CA LEU A 215 2.98 -11.38 0.05
C LEU A 215 3.48 -10.34 1.01
N GLY A 216 3.61 -10.69 2.28
CA GLY A 216 3.98 -9.74 3.32
C GLY A 216 5.46 -9.47 3.32
N LEU A 217 5.79 -8.19 3.53
CA LEU A 217 7.16 -7.67 3.53
C LEU A 217 7.46 -6.82 4.74
N ALA A 218 6.62 -6.86 5.76
CA ALA A 218 6.97 -6.29 7.07
C ALA A 218 7.87 -7.28 7.79
N PHE A 219 8.16 -7.02 9.06
CA PHE A 219 9.12 -7.86 9.80
C PHE A 219 8.44 -9.17 10.19
N SER A 220 9.25 -10.23 10.24
CA SER A 220 8.70 -11.58 10.46
C SER A 220 8.09 -11.75 11.85
N THR A 221 8.38 -10.88 12.78
CA THR A 221 7.73 -10.85 14.11
C THR A 221 6.23 -10.70 14.00
N LEU A 222 5.68 -10.17 12.90
CA LEU A 222 4.22 -10.08 12.74
C LEU A 222 3.58 -11.32 12.09
N ASN A 223 4.38 -12.28 11.65
CA ASN A 223 3.80 -13.43 10.94
C ASN A 223 2.83 -14.19 11.86
N THR A 224 1.71 -14.61 11.35
CA THR A 224 0.65 -15.15 12.22
C THR A 224 0.72 -16.68 12.30
N VAL A 225 1.65 -17.36 11.68
CA VAL A 225 1.60 -18.83 11.74
C VAL A 225 1.88 -19.31 13.16
N SER A 226 1.07 -20.27 13.59
CA SER A 226 1.13 -20.90 14.91
C SER A 226 1.17 -22.41 14.69
N PRO A 227 1.93 -23.16 15.53
CA PRO A 227 2.66 -22.71 16.70
C PRO A 227 4.07 -22.26 16.43
N THR A 228 4.51 -22.36 15.17
CA THR A 228 5.87 -22.03 14.77
C THR A 228 5.81 -20.85 13.81
N GLN A 229 6.17 -19.67 14.25
CA GLN A 229 6.10 -18.47 13.39
C GLN A 229 7.05 -18.69 12.22
N GLN A 230 6.63 -18.16 11.06
CA GLN A 230 7.39 -18.31 9.81
C GLN A 230 7.98 -16.98 9.35
N LYS A 231 9.00 -17.11 8.50
CA LYS A 231 9.67 -15.95 7.93
C LYS A 231 9.05 -15.49 6.62
N THR A 232 9.15 -14.18 6.40
CA THR A 232 8.75 -13.62 5.11
C THR A 232 9.67 -14.07 3.97
N PHE A 233 9.16 -13.87 2.77
CA PHE A 233 9.97 -14.15 1.56
C PHE A 233 11.26 -13.35 1.61
N PHE A 234 11.19 -12.08 2.02
CA PHE A 234 12.41 -11.24 2.07
C PHE A 234 13.37 -11.78 3.12
N ASP A 235 12.88 -12.10 4.30
CA ASP A 235 13.76 -12.62 5.34
C ASP A 235 14.40 -13.91 4.86
N ASN A 236 13.69 -14.82 4.23
CA ASN A 236 14.31 -16.04 3.71
C ASN A 236 15.26 -15.76 2.58
N ALA A 237 15.04 -14.77 1.75
CA ALA A 237 15.95 -14.46 0.63
C ALA A 237 17.20 -13.70 1.04
N LYS A 238 17.15 -13.02 2.19
N LYS A 238 17.16 -13.03 2.17
N LYS A 238 17.15 -13.02 2.19
N LYS A 238 17.16 -13.02 2.17
CA LYS A 238 18.06 -11.91 2.59
CA LYS A 238 18.09 -11.91 2.47
CA LYS A 238 18.06 -11.91 2.59
CA LYS A 238 18.09 -11.90 2.46
C LYS A 238 19.53 -12.31 2.49
C LYS A 238 19.54 -12.38 2.36
C LYS A 238 19.53 -12.32 2.48
C LYS A 238 19.54 -12.38 2.37
N ALA A 239 19.87 -13.52 2.95
CA ALA A 239 21.27 -13.94 3.03
C ALA A 239 21.80 -14.18 1.62
N SER A 240 20.97 -14.59 0.66
CA SER A 240 21.35 -14.87 -0.74
C SER A 240 21.50 -13.59 -1.54
N LEU A 241 20.87 -12.50 -1.13
CA LEU A 241 20.81 -11.28 -1.95
C LEU A 241 22.16 -10.59 -2.05
N ASP A 242 22.40 -9.91 -3.11
CA ASP A 242 23.64 -9.13 -3.26
C ASP A 242 23.74 -8.05 -2.20
N SER A 243 22.61 -7.46 -1.78
N SER A 243 22.60 -7.47 -1.87
N SER A 243 22.62 -7.43 -1.81
N SER A 243 22.60 -7.44 -1.89
CA SER A 243 22.50 -6.37 -0.78
CA SER A 243 22.44 -6.65 -0.66
CA SER A 243 22.50 -6.37 -0.79
CA SER A 243 22.45 -6.60 -0.68
C SER A 243 21.18 -6.65 -0.08
C SER A 243 21.13 -6.96 0.03
C SER A 243 21.17 -6.66 -0.08
C SER A 243 21.13 -6.92 0.01
N PRO A 244 21.06 -6.58 1.28
CA PRO A 244 19.87 -6.98 2.01
C PRO A 244 18.76 -5.93 1.95
N VAL A 245 18.25 -5.70 0.76
CA VAL A 245 17.33 -4.62 0.49
C VAL A 245 16.25 -5.07 -0.48
N PHE A 246 15.12 -4.38 -0.45
CA PHE A 246 14.22 -4.41 -1.59
C PHE A 246 13.75 -2.98 -1.82
N THR A 247 13.27 -2.72 -3.02
CA THR A 247 12.80 -1.37 -3.36
C THR A 247 11.42 -1.44 -3.95
N ALA A 248 10.63 -0.43 -3.66
CA ALA A 248 9.31 -0.25 -4.21
C ALA A 248 9.28 0.98 -5.08
N ASP A 249 8.85 0.81 -6.31
CA ASP A 249 8.77 1.89 -7.28
C ASP A 249 7.40 1.81 -7.90
N LEU A 250 6.39 2.31 -7.20
CA LEU A 250 5.01 2.16 -7.63
C LEU A 250 4.67 3.24 -8.63
N GLY A 251 3.88 2.90 -9.64
CA GLY A 251 3.45 3.84 -10.65
C GLY A 251 2.16 4.53 -10.32
N TYR A 252 1.97 5.72 -10.83
CA TYR A 252 0.71 6.45 -10.82
C TYR A 252 -0.03 6.09 -12.08
N HIS A 253 -1.10 5.34 -11.95
N HIS A 253 -1.10 5.34 -11.96
N HIS A 253 -1.13 5.37 -11.88
N HIS A 253 -1.13 5.37 -11.88
CA HIS A 253 -1.88 4.96 -13.14
CA HIS A 253 -1.88 4.96 -13.14
CA HIS A 253 -2.02 4.77 -12.91
CA HIS A 253 -2.02 4.77 -12.93
C HIS A 253 -0.96 4.29 -14.14
C HIS A 253 -0.96 4.28 -14.14
C HIS A 253 -1.19 4.08 -14.00
C HIS A 253 -1.18 4.09 -14.01
N ALA A 254 -0.08 3.42 -13.63
CA ALA A 254 0.91 2.79 -14.52
C ALA A 254 1.60 1.71 -13.75
N PRO A 255 2.22 0.74 -14.44
CA PRO A 255 3.03 -0.26 -13.76
C PRO A 255 4.27 0.35 -13.14
N GLY A 256 4.83 -0.39 -12.20
CA GLY A 256 6.07 -0.06 -11.52
C GLY A 256 6.85 -1.31 -11.24
N THR A 257 7.76 -1.28 -10.29
CA THR A 257 8.72 -2.35 -10.09
C THR A 257 8.98 -2.60 -8.61
N TYR A 258 9.09 -3.86 -8.24
CA TYR A 258 9.72 -4.31 -6.98
C TYR A 258 11.02 -4.97 -7.34
N ASN A 259 12.11 -4.49 -6.77
CA ASN A 259 13.42 -5.11 -6.93
C ASN A 259 13.90 -5.65 -5.61
N PHE A 260 14.61 -6.75 -5.65
CA PHE A 260 15.18 -7.41 -4.47
C PHE A 260 16.67 -7.54 -4.67
N GLY A 261 17.45 -7.04 -3.72
CA GLY A 261 18.88 -7.29 -3.69
C GLY A 261 19.71 -6.25 -4.34
N PHE A 262 19.16 -5.18 -4.92
CA PHE A 262 19.95 -4.15 -5.55
C PHE A 262 19.13 -2.89 -5.63
N ILE A 263 19.82 -1.78 -5.75
N ILE A 263 19.85 -1.76 -5.68
N ILE A 263 19.81 -1.78 -5.79
N ILE A 263 19.84 -1.76 -5.66
CA ILE A 263 19.17 -0.46 -5.86
CA ILE A 263 19.32 -0.41 -6.06
CA ILE A 263 19.18 -0.44 -5.90
CA ILE A 263 19.31 -0.41 -6.03
C ILE A 263 19.46 0.03 -7.30
C ILE A 263 19.50 -0.15 -7.55
C ILE A 263 19.47 0.06 -7.32
C ILE A 263 19.50 -0.16 -7.52
N ASP A 264 18.41 0.16 -8.17
CA ASP A 264 18.51 0.58 -9.57
C ASP A 264 18.74 2.07 -9.60
N THR A 265 20.00 2.48 -9.81
CA THR A 265 20.36 3.90 -9.75
C THR A 265 19.76 4.63 -10.93
N THR A 266 19.17 4.01 -11.92
CA THR A 266 18.49 4.67 -13.04
C THR A 266 17.04 4.98 -12.74
N ALA A 267 16.51 4.51 -11.62
CA ALA A 267 15.07 4.53 -11.38
C ALA A 267 14.66 5.76 -10.55
N TYR A 268 15.58 6.62 -10.16
CA TYR A 268 15.24 7.80 -9.36
C TYR A 268 16.11 8.96 -9.77
N THR A 269 15.73 10.14 -9.36
CA THR A 269 16.48 11.38 -9.63
C THR A 269 17.12 11.83 -8.34
N GLY A 270 18.18 12.62 -8.43
CA GLY A 270 18.84 13.12 -7.23
C GLY A 270 19.39 12.01 -6.37
N SER A 271 19.39 12.22 -5.07
N SER A 271 19.40 12.24 -5.07
N SER A 271 19.39 12.22 -5.07
N SER A 271 19.40 12.26 -5.06
CA SER A 271 19.95 11.25 -4.12
CA SER A 271 19.95 11.34 -4.04
CA SER A 271 19.95 11.26 -4.11
CA SER A 271 19.95 11.36 -4.01
C SER A 271 18.83 10.62 -3.26
C SER A 271 18.83 10.61 -3.31
C SER A 271 18.83 10.62 -3.26
C SER A 271 18.82 10.60 -3.32
N ILE A 272 19.17 9.51 -2.65
CA ILE A 272 18.27 8.80 -1.74
C ILE A 272 18.56 9.34 -0.36
N THR A 273 17.54 9.77 0.38
CA THR A 273 17.65 10.17 1.78
C THR A 273 17.20 9.03 2.67
N TYR A 274 18.07 8.55 3.51
CA TYR A 274 17.77 7.46 4.43
C TYR A 274 17.35 7.98 5.77
N THR A 275 16.47 7.29 6.43
CA THR A 275 15.89 7.69 7.72
C THR A 275 15.74 6.46 8.58
N ALA A 276 15.79 6.67 9.89
CA ALA A 276 15.75 5.57 10.86
C ALA A 276 14.42 4.84 10.87
N VAL A 277 14.48 3.58 11.19
CA VAL A 277 13.30 2.71 11.31
C VAL A 277 13.25 2.14 12.71
N SER A 278 12.09 2.13 13.28
CA SER A 278 11.79 1.34 14.49
C SER A 278 11.08 0.07 14.06
N THR A 279 11.56 -1.07 14.52
CA THR A 279 10.91 -2.36 14.29
C THR A 279 10.06 -2.79 15.48
N LYS A 280 9.87 -1.93 16.45
CA LYS A 280 9.18 -2.31 17.70
C LYS A 280 7.76 -2.82 17.50
N GLN A 281 7.05 -2.32 16.52
CA GLN A 281 5.70 -2.78 16.24
C GLN A 281 5.70 -3.75 15.04
N GLY A 282 6.84 -4.13 14.51
CA GLY A 282 6.93 -5.05 13.37
C GLY A 282 6.77 -4.41 12.03
N PHE A 283 6.67 -3.11 11.98
CA PHE A 283 6.47 -2.36 10.73
C PHE A 283 7.71 -1.63 10.31
N TRP A 284 7.71 -1.15 9.07
CA TRP A 284 8.71 -0.18 8.60
C TRP A 284 8.26 1.19 9.08
N GLU A 285 8.51 1.44 10.37
CA GLU A 285 8.02 2.64 11.08
C GLU A 285 9.12 3.69 11.11
N TRP A 286 8.80 4.90 10.75
CA TRP A 286 9.78 5.97 10.60
C TRP A 286 9.12 7.27 11.02
N THR A 287 9.86 8.35 11.01
CA THR A 287 9.35 9.67 11.41
C THR A 287 9.60 10.68 10.32
N SER A 288 8.52 11.13 9.70
CA SER A 288 8.62 12.23 8.73
C SER A 288 8.91 13.53 9.48
N THR A 289 9.59 14.42 8.83
CA THR A 289 10.01 15.70 9.41
C THR A 289 9.01 16.82 9.17
N GLY A 290 7.92 16.61 8.44
CA GLY A 290 6.89 17.64 8.35
C GLY A 290 6.18 17.59 7.03
N TYR A 291 5.46 18.67 6.72
CA TYR A 291 4.63 18.64 5.52
C TYR A 291 4.42 20.05 5.01
N ALA A 292 3.98 20.12 3.77
CA ALA A 292 3.47 21.37 3.19
C ALA A 292 2.25 21.05 2.36
N VAL A 293 1.35 22.01 2.23
CA VAL A 293 0.16 21.87 1.37
C VAL A 293 0.33 22.78 0.18
N GLY A 294 0.30 22.24 -1.02
CA GLY A 294 0.48 23.06 -2.22
C GLY A 294 1.77 23.83 -2.17
N SER A 295 1.68 25.11 -2.47
N SER A 295 1.74 25.08 -2.58
N SER A 295 1.66 25.12 -2.47
N SER A 295 1.75 25.09 -2.59
CA SER A 295 2.85 26.02 -2.52
CA SER A 295 2.91 26.00 -2.52
CA SER A 295 2.79 26.06 -2.54
CA SER A 295 2.93 25.98 -2.52
C SER A 295 3.12 26.60 -1.15
C SER A 295 2.91 26.76 -1.19
C SER A 295 3.10 26.61 -1.15
C SER A 295 2.91 26.76 -1.20
N GLY A 296 2.38 26.19 -0.11
CA GLY A 296 2.53 26.75 1.22
C GLY A 296 3.84 26.45 1.87
N THR A 297 4.05 27.12 2.98
CA THR A 297 5.25 26.99 3.81
C THR A 297 5.35 25.56 4.34
N PHE A 298 6.52 25.05 4.48
CA PHE A 298 6.73 23.74 5.10
C PHE A 298 6.60 23.88 6.61
N LYS A 299 5.84 23.00 7.23
CA LYS A 299 5.64 22.92 8.65
C LYS A 299 6.56 21.84 9.19
N SER A 300 7.54 22.19 9.99
CA SER A 300 8.44 21.22 10.62
C SER A 300 7.74 20.60 11.79
N THR A 301 7.49 19.31 11.77
CA THR A 301 6.78 18.60 12.81
C THR A 301 7.06 17.13 12.64
N SER A 302 7.28 16.40 13.68
CA SER A 302 7.54 14.95 13.61
C SER A 302 6.28 14.19 13.42
N ILE A 303 6.19 13.34 12.40
CA ILE A 303 5.01 12.50 12.16
C ILE A 303 5.48 11.09 12.07
N ASP A 304 5.32 10.32 13.12
N ASP A 304 5.17 10.29 13.07
N ASP A 304 5.31 10.32 13.12
N ASP A 304 5.16 10.28 13.06
CA ASP A 304 5.62 8.89 13.09
CA ASP A 304 5.57 8.87 13.11
CA ASP A 304 5.62 8.88 13.10
CA ASP A 304 5.57 8.86 13.12
C ASP A 304 4.62 8.22 12.15
C ASP A 304 4.57 8.01 12.35
C ASP A 304 4.62 8.23 12.15
C ASP A 304 4.57 8.00 12.37
N GLY A 305 5.05 7.23 11.39
CA GLY A 305 4.11 6.42 10.63
C GLY A 305 4.78 5.25 10.00
N ILE A 306 4.05 4.49 9.23
CA ILE A 306 4.60 3.29 8.61
C ILE A 306 4.59 3.41 7.10
N ALA A 307 5.57 2.82 6.44
CA ALA A 307 5.59 2.72 4.98
C ALA A 307 4.86 1.45 4.61
N ASP A 308 3.66 1.55 4.02
CA ASP A 308 2.76 0.41 3.84
C ASP A 308 2.25 0.32 2.42
N THR A 309 2.88 -0.53 1.60
CA THR A 309 2.44 -0.69 0.23
C THR A 309 1.08 -1.35 0.10
N GLY A 310 0.61 -2.00 1.14
CA GLY A 310 -0.68 -2.65 1.13
C GLY A 310 -1.84 -1.76 1.53
N THR A 311 -1.60 -0.51 1.83
CA THR A 311 -2.66 0.47 2.11
C THR A 311 -2.75 1.43 0.97
N THR A 312 -3.96 1.69 0.48
N THR A 312 -3.96 1.69 0.48
N THR A 312 -3.95 1.69 0.46
N THR A 312 -3.95 1.69 0.46
CA THR A 312 -4.09 2.53 -0.73
CA THR A 312 -4.10 2.53 -0.73
CA THR A 312 -4.11 2.56 -0.74
CA THR A 312 -4.11 2.56 -0.73
C THR A 312 -3.74 3.98 -0.47
C THR A 312 -3.74 3.98 -0.47
C THR A 312 -3.76 4.01 -0.41
C THR A 312 -3.76 4.01 -0.40
N LEU A 313 -4.24 4.53 0.62
N LEU A 313 -4.24 4.53 0.62
N LEU A 313 -4.30 4.51 0.69
N LEU A 313 -4.30 4.51 0.69
CA LEU A 313 -4.24 5.99 0.85
CA LEU A 313 -4.24 5.99 0.85
CA LEU A 313 -4.35 5.96 0.98
CA LEU A 313 -4.36 5.97 0.98
C LEU A 313 -3.19 6.43 1.86
C LEU A 313 -3.19 6.43 1.86
C LEU A 313 -3.27 6.41 1.95
C LEU A 313 -3.28 6.41 1.95
N LEU A 314 -3.13 7.74 2.06
CA LEU A 314 -2.23 8.38 3.02
C LEU A 314 -3.05 8.78 4.21
N TYR A 315 -2.78 8.19 5.38
CA TYR A 315 -3.51 8.46 6.63
C TYR A 315 -2.61 9.22 7.58
N LEU A 316 -3.01 10.44 7.94
CA LEU A 316 -2.18 11.35 8.73
C LEU A 316 -3.01 11.96 9.84
N PRO A 317 -2.37 12.65 10.80
CA PRO A 317 -3.14 13.20 11.90
C PRO A 317 -4.20 14.17 11.42
N ALA A 318 -5.27 14.30 12.19
CA ALA A 318 -6.41 15.11 11.80
C ALA A 318 -6.03 16.55 11.55
N THR A 319 -5.10 17.09 12.31
CA THR A 319 -4.67 18.48 12.09
C THR A 319 -4.10 18.65 10.69
N VAL A 320 -3.25 17.73 10.26
CA VAL A 320 -2.56 17.80 8.96
C VAL A 320 -3.60 17.67 7.86
N VAL A 321 -4.49 16.71 8.01
CA VAL A 321 -5.49 16.41 6.99
C VAL A 321 -6.46 17.59 6.84
N SER A 322 -6.87 18.18 7.97
CA SER A 322 -7.74 19.35 7.92
C SER A 322 -7.04 20.50 7.18
N ALA A 323 -5.78 20.72 7.46
CA ALA A 323 -5.03 21.78 6.80
C ALA A 323 -4.97 21.55 5.29
N TYR A 324 -4.86 20.30 4.85
CA TYR A 324 -4.86 20.01 3.41
C TYR A 324 -6.21 20.32 2.79
N TRP A 325 -7.28 19.74 3.34
CA TRP A 325 -8.57 19.86 2.68
C TRP A 325 -9.18 21.26 2.82
N ALA A 326 -8.71 22.04 3.77
CA ALA A 326 -9.12 23.45 3.87
C ALA A 326 -8.71 24.22 2.62
N GLN A 327 -7.76 23.73 1.85
CA GLN A 327 -7.34 24.43 0.62
C GLN A 327 -8.14 23.99 -0.57
N VAL A 328 -9.18 23.19 -0.43
CA VAL A 328 -9.99 22.71 -1.54
C VAL A 328 -11.43 23.18 -1.29
N SER A 329 -11.93 24.09 -2.14
N SER A 329 -11.93 24.09 -2.13
N SER A 329 -11.93 24.08 -2.15
N SER A 329 -11.92 24.08 -2.15
CA SER A 329 -13.27 24.66 -1.90
CA SER A 329 -13.28 24.66 -1.94
CA SER A 329 -13.29 24.66 -2.03
CA SER A 329 -13.29 24.65 -2.04
C SER A 329 -14.31 23.55 -2.01
C SER A 329 -14.31 23.55 -2.01
C SER A 329 -14.32 23.52 -2.01
C SER A 329 -14.32 23.53 -2.03
N GLY A 330 -15.15 23.47 -0.99
CA GLY A 330 -16.23 22.53 -0.93
C GLY A 330 -15.81 21.20 -0.35
N ALA A 331 -14.56 20.98 0.02
CA ALA A 331 -14.19 19.70 0.64
C ALA A 331 -14.73 19.61 2.04
N LYS A 332 -15.08 18.43 2.48
CA LYS A 332 -15.64 18.23 3.81
C LYS A 332 -15.43 16.81 4.20
N SER A 333 -15.43 16.56 5.51
CA SER A 333 -15.44 15.22 6.04
C SER A 333 -16.86 14.72 6.11
N SER A 334 -17.14 13.62 5.51
CA SER A 334 -18.47 12.98 5.44
C SER A 334 -18.46 11.68 6.27
N SER A 335 -19.17 11.64 7.39
N SER A 335 -19.21 11.72 7.37
N SER A 335 -19.20 11.70 7.38
N SER A 335 -19.19 11.74 7.38
CA SER A 335 -19.31 10.40 8.17
CA SER A 335 -19.45 10.53 8.23
CA SER A 335 -19.42 10.50 8.22
CA SER A 335 -19.50 10.58 8.25
C SER A 335 -20.13 9.37 7.38
C SER A 335 -20.15 9.44 7.42
C SER A 335 -20.14 9.42 7.39
C SER A 335 -20.16 9.46 7.44
N SER A 336 -21.07 9.82 6.52
CA SER A 336 -21.84 8.86 5.69
C SER A 336 -20.93 8.12 4.69
N VAL A 337 -19.99 8.85 4.10
N VAL A 337 -19.99 8.85 4.10
N VAL A 337 -19.96 8.82 4.11
N VAL A 337 -19.96 8.83 4.11
CA VAL A 337 -19.07 8.25 3.11
CA VAL A 337 -19.06 8.25 3.11
CA VAL A 337 -19.16 8.28 2.96
CA VAL A 337 -19.16 8.29 2.96
C VAL A 337 -17.86 7.67 3.86
C VAL A 337 -17.85 7.67 3.85
C VAL A 337 -17.97 7.46 3.46
C VAL A 337 -17.98 7.47 3.46
N GLY A 338 -17.49 8.23 5.01
N GLY A 338 -17.48 8.22 5.01
N GLY A 338 -17.40 7.87 4.60
N GLY A 338 -17.40 7.89 4.60
CA GLY A 338 -16.36 7.71 5.80
CA GLY A 338 -16.36 7.71 5.80
CA GLY A 338 -16.23 7.23 5.22
CA GLY A 338 -16.25 7.22 5.23
C GLY A 338 -15.03 8.39 5.54
C GLY A 338 -15.03 8.39 5.54
C GLY A 338 -14.95 8.01 5.05
C GLY A 338 -14.96 7.99 5.07
N GLY A 339 -15.07 9.68 5.23
N GLY A 339 -15.07 9.68 5.24
N GLY A 339 -15.03 9.30 4.84
N GLY A 339 -15.03 9.29 4.84
CA GLY A 339 -13.85 10.50 5.16
CA GLY A 339 -13.86 10.50 5.17
CA GLY A 339 -13.81 10.10 4.76
CA GLY A 339 -13.81 10.09 4.77
C GLY A 339 -14.09 11.75 4.39
C GLY A 339 -14.09 11.76 4.40
C GLY A 339 -14.10 11.41 4.14
C GLY A 339 -14.10 11.41 4.14
N TYR A 340 -12.99 12.42 4.08
N TYR A 340 -12.99 12.42 4.08
N TYR A 340 -13.04 12.13 3.90
N TYR A 340 -13.04 12.14 3.90
CA TYR A 340 -13.03 13.61 3.24
CA TYR A 340 -13.03 13.61 3.24
CA TYR A 340 -13.05 13.45 3.23
CA TYR A 340 -13.03 13.46 3.23
C TYR A 340 -13.41 13.28 1.80
C TYR A 340 -13.41 13.28 1.80
C TYR A 340 -13.41 13.27 1.77
C TYR A 340 -13.41 13.27 1.77
N VAL A 341 -14.28 14.16 1.35
N VAL A 341 -14.28 14.16 1.35
N VAL A 341 -14.44 13.97 1.30
N VAL A 341 -14.43 13.97 1.30
CA VAL A 341 -14.80 14.21 -0.03
CA VAL A 341 -14.80 14.21 -0.03
CA VAL A 341 -14.82 14.02 -0.13
CA VAL A 341 -14.82 14.02 -0.13
C VAL A 341 -14.59 15.62 -0.54
C VAL A 341 -14.59 15.62 -0.54
C VAL A 341 -14.72 15.47 -0.59
C VAL A 341 -14.72 15.47 -0.59
N PHE A 342 -14.66 15.74 -1.85
N PHE A 342 -14.66 15.74 -1.85
N PHE A 342 -14.57 15.66 -1.88
N PHE A 342 -14.55 15.66 -1.89
CA PHE A 342 -14.39 17.04 -2.47
CA PHE A 342 -14.39 17.04 -2.47
CA PHE A 342 -14.41 17.01 -2.44
CA PHE A 342 -14.39 17.01 -2.45
C PHE A 342 -15.14 17.06 -3.78
C PHE A 342 -15.14 17.06 -3.78
C PHE A 342 -15.14 17.07 -3.77
C PHE A 342 -15.14 17.07 -3.77
N PRO A 343 -15.44 18.27 -4.29
CA PRO A 343 -16.13 18.37 -5.57
C PRO A 343 -15.25 17.82 -6.67
N CYS A 344 -15.85 17.00 -7.53
CA CYS A 344 -15.09 16.45 -8.62
C CYS A 344 -14.60 17.53 -9.58
N SER A 345 -15.15 18.69 -9.54
CA SER A 345 -14.70 19.84 -10.35
C SER A 345 -13.43 20.46 -9.83
N ALA A 346 -12.95 20.11 -8.66
CA ALA A 346 -11.77 20.74 -8.07
C ALA A 346 -10.51 20.32 -8.77
N THR A 347 -9.52 21.22 -8.73
CA THR A 347 -8.11 20.90 -8.95
C THR A 347 -7.42 20.79 -7.59
N LEU A 348 -6.84 19.66 -7.26
CA LEU A 348 -6.27 19.44 -5.93
C LEU A 348 -4.87 20.00 -5.84
N PRO A 349 -4.49 20.55 -4.69
CA PRO A 349 -3.12 20.94 -4.43
C PRO A 349 -2.24 19.72 -4.19
N SER A 350 -0.96 19.89 -4.40
CA SER A 350 0.00 18.87 -4.03
C SER A 350 0.14 18.78 -2.50
N PHE A 351 0.78 17.73 -2.06
CA PHE A 351 1.11 17.54 -0.64
C PHE A 351 2.55 17.12 -0.55
N THR A 352 3.33 17.81 0.27
CA THR A 352 4.74 17.49 0.44
C THR A 352 4.96 16.86 1.79
N PHE A 353 5.75 15.81 1.89
CA PHE A 353 6.19 15.30 3.18
C PHE A 353 7.70 15.29 3.27
N GLY A 354 8.19 15.49 4.49
CA GLY A 354 9.62 15.54 4.74
C GLY A 354 10.20 14.18 5.06
N VAL A 355 11.41 13.96 4.53
CA VAL A 355 12.27 12.82 4.85
C VAL A 355 13.61 13.41 5.22
N GLY A 356 13.90 13.51 6.51
CA GLY A 356 15.07 14.29 6.91
C GLY A 356 14.93 15.68 6.32
N SER A 357 16.01 16.19 5.74
N SER A 357 16.02 16.17 5.72
N SER A 357 16.01 16.20 5.74
N SER A 357 16.01 16.17 5.72
CA SER A 357 16.04 17.50 5.10
CA SER A 357 16.07 17.50 5.07
CA SER A 357 16.00 17.53 5.09
CA SER A 357 16.04 17.51 5.08
C SER A 357 15.46 17.47 3.67
C SER A 357 15.44 17.47 3.67
C SER A 357 15.45 17.48 3.66
C SER A 357 15.46 17.47 3.66
N ALA A 358 15.13 16.29 3.16
CA ALA A 358 14.58 16.13 1.82
C ALA A 358 13.06 16.24 1.81
N ARG A 359 12.50 16.36 0.65
CA ARG A 359 11.06 16.60 0.48
C ARG A 359 10.56 15.70 -0.62
N ILE A 360 9.44 15.03 -0.43
CA ILE A 360 8.77 14.26 -1.48
C ILE A 360 7.46 14.97 -1.77
N VAL A 361 7.22 15.27 -3.02
CA VAL A 361 5.99 15.97 -3.42
C VAL A 361 5.04 15.00 -4.07
N ILE A 362 3.84 14.91 -3.50
CA ILE A 362 2.74 14.11 -4.06
C ILE A 362 1.92 15.07 -4.92
N PRO A 363 1.85 14.89 -6.24
CA PRO A 363 1.03 15.78 -7.07
C PRO A 363 -0.43 15.67 -6.65
N GLY A 364 -1.15 16.77 -6.85
CA GLY A 364 -2.58 16.79 -6.52
C GLY A 364 -3.36 15.67 -7.18
N ASP A 365 -3.00 15.38 -8.42
N ASP A 365 -3.08 15.28 -8.43
N ASP A 365 -3.02 15.37 -8.42
N ASP A 365 -3.07 15.31 -8.43
CA ASP A 365 -3.75 14.34 -9.14
CA ASP A 365 -3.96 14.23 -9.04
CA ASP A 365 -3.75 14.32 -9.17
CA ASP A 365 -3.94 14.29 -9.07
C ASP A 365 -3.73 13.01 -8.41
C ASP A 365 -3.72 12.85 -8.40
C ASP A 365 -3.73 13.00 -8.42
C ASP A 365 -3.72 12.90 -8.44
N TYR A 366 -2.64 12.71 -7.70
CA TYR A 366 -2.48 11.43 -6.98
C TYR A 366 -3.50 11.29 -5.85
N ILE A 367 -4.08 12.40 -5.40
N ILE A 367 -4.08 12.40 -5.41
N ILE A 367 -4.08 12.40 -5.43
N ILE A 367 -4.09 12.40 -5.44
CA ILE A 367 -4.96 12.46 -4.22
CA ILE A 367 -4.96 12.46 -4.22
CA ILE A 367 -4.95 12.46 -4.24
CA ILE A 367 -4.95 12.46 -4.24
C ILE A 367 -6.43 12.40 -4.64
C ILE A 367 -6.43 12.40 -4.64
C ILE A 367 -6.39 12.16 -4.68
C ILE A 367 -6.39 12.16 -4.67
N ASP A 368 -6.72 12.34 -5.94
N ASP A 368 -6.72 12.34 -5.94
N ASP A 368 -6.64 11.99 -5.97
N ASP A 368 -6.64 12.00 -5.97
CA ASP A 368 -8.09 12.20 -6.42
CA ASP A 368 -8.10 12.22 -6.42
CA ASP A 368 -8.02 11.82 -6.52
CA ASP A 368 -8.02 11.82 -6.52
C ASP A 368 -8.45 10.74 -6.63
C ASP A 368 -8.45 10.75 -6.63
C ASP A 368 -8.35 10.33 -6.57
C ASP A 368 -8.35 10.33 -6.57
N PHE A 369 -9.39 10.23 -5.84
N PHE A 369 -9.38 10.24 -5.84
N PHE A 369 -9.35 9.90 -5.79
N PHE A 369 -9.35 9.90 -5.80
CA PHE A 369 -9.83 8.82 -5.99
CA PHE A 369 -9.83 8.83 -5.99
CA PHE A 369 -9.86 8.51 -5.79
CA PHE A 369 -9.85 8.50 -5.81
C PHE A 369 -11.21 8.71 -6.63
C PHE A 369 -11.21 8.71 -6.63
C PHE A 369 -11.28 8.46 -6.31
C PHE A 369 -11.28 8.46 -6.33
N GLY A 370 -11.66 9.79 -7.26
N GLY A 370 -11.66 9.79 -7.26
N GLY A 370 -11.66 9.43 -7.13
N GLY A 370 -11.66 9.43 -7.13
CA GLY A 370 -12.77 9.78 -8.20
CA GLY A 370 -12.77 9.78 -8.20
CA GLY A 370 -12.82 9.29 -8.00
CA GLY A 370 -12.82 9.31 -8.01
C GLY A 370 -14.09 9.68 -7.47
C GLY A 370 -14.09 9.68 -7.47
C GLY A 370 -14.16 9.42 -7.28
C GLY A 370 -14.15 9.42 -7.28
N PRO A 371 -15.16 9.59 -8.28
N PRO A 371 -15.16 9.60 -8.28
N PRO A 371 -15.23 9.38 -8.08
N PRO A 371 -15.24 9.36 -8.06
CA PRO A 371 -16.52 9.68 -7.78
CA PRO A 371 -16.52 9.68 -7.78
CA PRO A 371 -16.56 9.52 -7.49
CA PRO A 371 -16.55 9.51 -7.47
C PRO A 371 -16.78 8.62 -6.72
C PRO A 371 -16.78 8.61 -6.71
C PRO A 371 -16.80 8.56 -6.34
C PRO A 371 -16.80 8.56 -6.30
N ILE A 372 -17.52 8.99 -5.68
N ILE A 372 -17.52 8.99 -5.67
N ILE A 372 -17.54 9.07 -5.36
N ILE A 372 -17.54 9.05 -5.34
CA ILE A 372 -17.78 8.06 -4.53
CA ILE A 372 -17.78 8.06 -4.52
CA ILE A 372 -17.89 8.23 -4.19
CA ILE A 372 -17.90 8.22 -4.17
C ILE A 372 -18.65 6.89 -4.94
C ILE A 372 -18.65 6.90 -4.93
C ILE A 372 -18.78 7.06 -4.64
C ILE A 372 -18.80 7.06 -4.64
N SER A 373 -19.52 7.17 -5.81
CA SER A 373 -20.39 6.15 -6.44
C SER A 373 -20.45 6.54 -7.87
N THR A 374 -20.74 5.58 -8.73
CA THR A 374 -20.73 5.82 -10.09
C THR A 374 -21.60 7.05 -10.52
N GLY A 375 -21.10 8.00 -11.26
CA GLY A 375 -21.84 9.15 -11.70
C GLY A 375 -21.94 10.34 -10.73
N SER A 376 -21.44 10.14 -9.50
CA SER A 376 -21.51 11.21 -8.49
C SER A 376 -20.54 12.34 -8.85
N SER A 377 -20.88 13.53 -8.45
CA SER A 377 -19.97 14.68 -8.51
C SER A 377 -19.23 14.91 -7.23
N SER A 378 -19.37 14.02 -6.24
N SER A 378 -19.37 14.02 -6.24
N SER A 378 -19.38 14.03 -6.23
N SER A 378 -19.39 14.03 -6.23
CA SER A 378 -18.52 14.04 -5.05
CA SER A 378 -18.52 14.04 -5.05
CA SER A 378 -18.51 14.00 -5.01
CA SER A 378 -18.55 13.99 -5.01
C SER A 378 -17.42 13.00 -5.22
C SER A 378 -17.42 13.00 -5.22
C SER A 378 -17.43 12.99 -5.22
C SER A 378 -17.43 12.99 -5.22
N CYS A 379 -16.20 13.41 -4.98
CA CYS A 379 -15.03 12.57 -5.19
C CYS A 379 -14.37 12.26 -3.85
N PHE A 380 -13.78 11.08 -3.74
N PHE A 380 -13.78 11.08 -3.74
N PHE A 380 -13.75 11.10 -3.80
N PHE A 380 -13.75 11.09 -3.79
CA PHE A 380 -13.16 10.65 -2.47
CA PHE A 380 -13.16 10.65 -2.47
CA PHE A 380 -13.13 10.57 -2.56
CA PHE A 380 -13.13 10.57 -2.56
C PHE A 380 -11.68 11.05 -2.44
C PHE A 380 -11.68 11.05 -2.44
C PHE A 380 -11.69 11.10 -2.47
C PHE A 380 -11.69 11.08 -2.47
N GLY A 381 -11.29 11.58 -1.31
CA GLY A 381 -9.93 12.07 -1.15
C GLY A 381 -8.90 10.99 -0.83
N GLY A 382 -7.68 11.23 -1.28
CA GLY A 382 -6.60 10.29 -1.06
C GLY A 382 -5.78 10.52 0.17
N ILE A 383 -6.05 11.61 0.89
CA ILE A 383 -5.45 11.92 2.16
C ILE A 383 -6.58 11.89 3.17
N GLN A 384 -6.48 11.07 4.20
CA GLN A 384 -7.53 10.85 5.18
C GLN A 384 -6.95 10.86 6.57
N SER A 385 -7.81 11.08 7.55
CA SER A 385 -7.36 11.11 8.95
C SER A 385 -7.02 9.71 9.45
N SER A 386 -5.95 9.62 10.19
CA SER A 386 -5.57 8.40 10.91
C SER A 386 -6.21 8.33 12.28
N ALA A 387 -7.17 9.19 12.61
N ALA A 387 -6.90 9.37 12.75
N ALA A 387 -7.16 9.21 12.60
N ALA A 387 -6.91 9.36 12.75
CA ALA A 387 -7.78 9.21 13.95
CA ALA A 387 -7.30 9.45 14.16
CA ALA A 387 -7.77 9.24 13.95
CA ALA A 387 -7.34 9.40 14.15
C ALA A 387 -8.60 7.95 14.10
C ALA A 387 -8.05 8.20 14.62
C ALA A 387 -8.60 7.99 14.11
C ALA A 387 -8.05 8.11 14.59
N GLY A 388 -8.31 7.20 15.15
N GLY A 388 -8.81 7.48 13.78
N GLY A 388 -8.30 7.22 15.15
N GLY A 388 -8.85 7.43 13.77
CA GLY A 388 -9.03 5.95 15.46
CA GLY A 388 -9.57 6.28 14.21
CA GLY A 388 -9.02 5.98 15.46
CA GLY A 388 -9.55 6.18 14.17
C GLY A 388 -8.26 4.76 14.93
C GLY A 388 -8.83 4.97 13.91
C GLY A 388 -8.29 4.79 14.86
C GLY A 388 -8.68 4.93 14.15
N ILE A 389 -7.32 4.95 14.01
N ILE A 389 -7.50 5.00 13.71
N ILE A 389 -7.29 4.98 14.01
N ILE A 389 -7.44 5.00 13.63
CA ILE A 389 -6.55 3.82 13.40
CA ILE A 389 -6.56 3.87 13.38
CA ILE A 389 -6.54 3.84 13.41
CA ILE A 389 -6.51 3.85 13.38
C ILE A 389 -5.36 3.55 14.33
C ILE A 389 -5.56 3.55 14.50
C ILE A 389 -5.36 3.55 14.33
C ILE A 389 -5.54 3.55 14.51
N GLY A 390 -4.90 4.55 15.09
CA GLY A 390 -3.87 4.37 16.10
C GLY A 390 -2.48 4.42 15.51
N ILE A 391 -2.35 4.63 14.16
CA ILE A 391 -1.04 4.81 13.51
C ILE A 391 -1.26 5.61 12.23
N ASN A 392 -0.25 6.38 11.91
CA ASN A 392 -0.22 7.09 10.62
C ASN A 392 0.33 6.13 9.57
N ILE A 393 -0.21 6.20 8.38
CA ILE A 393 0.14 5.23 7.32
C ILE A 393 0.51 5.97 6.05
N PHE A 394 1.76 5.81 5.65
CA PHE A 394 2.23 6.28 4.34
C PHE A 394 1.95 5.17 3.36
N GLY A 395 0.74 5.14 2.85
CA GLY A 395 0.29 4.13 1.90
C GLY A 395 0.67 4.53 0.47
N ASP A 396 0.04 3.89 -0.47
CA ASP A 396 0.43 3.98 -1.87
C ASP A 396 0.39 5.42 -2.39
N VAL A 397 -0.57 6.22 -1.98
CA VAL A 397 -0.62 7.64 -2.38
C VAL A 397 0.72 8.32 -2.15
N ALA A 398 1.31 8.10 -1.02
CA ALA A 398 2.61 8.68 -0.73
C ALA A 398 3.74 7.94 -1.39
N LEU A 399 3.74 6.61 -1.27
CA LEU A 399 4.89 5.83 -1.74
C LEU A 399 5.05 5.94 -3.25
N LYS A 400 3.95 5.99 -3.97
N LYS A 400 3.98 6.05 -4.00
N LYS A 400 3.98 6.07 -4.02
N LYS A 400 3.99 6.08 -4.03
CA LYS A 400 4.06 6.03 -5.45
CA LYS A 400 4.15 6.04 -5.45
CA LYS A 400 4.08 6.08 -5.51
CA LYS A 400 4.12 6.07 -5.52
C LYS A 400 4.73 7.32 -5.93
C LYS A 400 4.73 7.36 -5.97
C LYS A 400 4.71 7.38 -5.99
C LYS A 400 4.68 7.41 -6.02
N ALA A 401 4.82 8.38 -5.12
CA ALA A 401 5.53 9.60 -5.45
C ALA A 401 7.03 9.46 -5.29
N ALA A 402 7.53 8.33 -4.84
CA ALA A 402 8.94 8.18 -4.50
C ALA A 402 9.46 6.84 -5.01
N PHE A 403 10.78 6.75 -5.06
CA PHE A 403 11.52 5.49 -5.12
C PHE A 403 11.88 5.16 -3.67
N VAL A 404 11.45 4.03 -3.18
CA VAL A 404 11.54 3.72 -1.73
C VAL A 404 12.43 2.51 -1.53
N VAL A 405 13.44 2.67 -0.70
CA VAL A 405 14.37 1.59 -0.35
C VAL A 405 14.01 1.05 1.03
N PHE A 406 13.74 -0.22 1.11
CA PHE A 406 13.51 -0.94 2.37
C PHE A 406 14.80 -1.67 2.66
N ASN A 407 15.60 -1.07 3.53
CA ASN A 407 16.94 -1.59 3.86
C ASN A 407 16.87 -2.50 5.04
N GLY A 408 16.99 -3.78 4.82
CA GLY A 408 16.91 -4.84 5.83
C GLY A 408 18.25 -5.26 6.37
N ALA A 409 19.22 -4.41 6.39
CA ALA A 409 20.46 -4.64 7.11
C ALA A 409 20.19 -4.75 8.61
N THR A 410 21.25 -5.14 9.35
CA THR A 410 21.14 -5.44 10.80
C THR A 410 20.40 -4.31 11.52
N THR A 411 20.76 -3.07 11.19
CA THR A 411 20.00 -1.87 11.57
C THR A 411 19.17 -1.46 10.34
N PRO A 412 17.86 -1.75 10.33
CA PRO A 412 17.07 -1.37 9.15
C PRO A 412 16.92 0.12 9.00
N THR A 413 16.79 0.58 7.77
CA THR A 413 16.50 1.99 7.47
C THR A 413 15.56 2.03 6.27
N LEU A 414 14.88 3.16 6.10
N LEU A 414 15.14 3.24 5.95
N LEU A 414 14.89 3.15 6.09
N LEU A 414 15.14 3.24 5.95
CA LEU A 414 14.15 3.44 4.84
CA LEU A 414 14.17 3.47 4.86
CA LEU A 414 14.15 3.45 4.85
CA LEU A 414 14.16 3.47 4.86
C LEU A 414 14.88 4.50 4.06
C LEU A 414 14.66 4.66 4.03
C LEU A 414 14.88 4.51 4.06
C LEU A 414 14.65 4.66 4.02
N GLY A 415 14.83 4.45 2.73
CA GLY A 415 15.32 5.50 1.89
C GLY A 415 14.25 6.02 0.97
N PHE A 416 14.22 7.29 0.71
CA PHE A 416 13.29 7.90 -0.24
C PHE A 416 14.03 8.75 -1.23
N ALA A 417 13.71 8.63 -2.50
CA ALA A 417 14.20 9.53 -3.53
C ALA A 417 13.03 9.99 -4.36
N SER A 418 13.11 11.18 -4.89
N SER A 418 13.15 11.16 -4.96
CA SER A 418 12.17 11.61 -5.94
CA SER A 418 12.27 11.62 -6.03
C SER A 418 12.47 10.82 -7.23
C SER A 418 12.49 10.77 -7.27
N LYS A 419 11.54 10.88 -8.18
CA LYS A 419 11.68 10.12 -9.43
C LYS A 419 10.92 10.76 -10.57
C4 R8S B . -13.21 5.68 -3.06
C4 R8S B . -13.21 5.68 -3.06
N1 R8S B . -11.98 5.25 -2.80
N1 R8S B . -11.98 5.25 -2.80
N2 R8S B . -13.39 6.16 -4.33
N2 R8S B . -13.40 6.16 -4.33
N3 R8S B . -14.63 6.70 -4.74
N3 R8S B . -14.63 6.70 -4.74
N R8S B . -14.25 5.69 -2.21
N R8S B . -14.25 5.68 -2.22
C3 R8S B . -14.02 5.16 -0.99
C3 R8S B . -14.02 5.16 -0.99
C2 R8S B . -12.80 4.65 -0.60
C2 R8S B . -12.80 4.65 -0.60
C1 R8S B . -11.80 4.75 -1.57
C1 R8S B . -11.80 4.75 -1.57
O R8S B . -10.56 4.37 -1.25
O R8S B . -10.56 4.37 -1.25
C R8S B . -9.57 4.42 -2.28
C R8S B . -9.57 4.42 -2.28
S DMS C . -14.91 -7.37 4.50
O DMS C . -13.86 -8.35 3.96
C1 DMS C . -14.04 -5.92 5.02
C2 DMS C . -15.33 -7.97 6.12
C1 GOL D . -10.27 27.04 -0.36
O1 GOL D . -10.50 27.49 -1.70
C2 GOL D . -9.14 27.83 0.25
O2 GOL D . -8.13 28.05 -0.74
C3 GOL D . -9.59 29.13 0.85
O3 GOL D . -10.37 28.98 2.01
C ACT E . -6.75 -0.70 2.15
O ACT E . -6.05 0.38 2.11
OXT ACT E . -7.16 -0.63 1.21
CH3 ACT E . -6.64 -1.85 3.14
C1 GOL F . 1.91 23.69 6.58
O1 GOL F . 2.13 24.99 7.16
C2 GOL F . 0.75 23.73 5.63
O2 GOL F . -0.47 24.03 6.29
C3 GOL F . 0.92 24.79 4.61
O3 GOL F . 1.90 24.37 3.75
C1 GOL G . 8.22 12.42 -8.13
C1 GOL G . 8.22 12.42 -8.14
O1 GOL G . 9.10 12.27 -7.02
O1 GOL G . 9.10 12.26 -7.03
C2 GOL G . 6.89 13.00 -7.73
C2 GOL G . 6.89 13.01 -7.74
O2 GOL G . 7.07 14.28 -7.13
O2 GOL G . 7.08 14.28 -7.13
C3 GOL G . 5.92 13.08 -8.90
C3 GOL G . 5.93 13.09 -8.90
O3 GOL G . 6.41 13.92 -9.94
O3 GOL G . 6.42 13.94 -9.93
C1 GOL H . -2.89 10.50 15.05
C1 GOL H . -3.09 10.57 14.65
O1 GOL H . -3.16 11.70 15.77
O1 GOL H . -4.46 10.32 14.45
C2 GOL H . -2.50 9.35 15.94
C2 GOL H . -2.50 9.49 15.53
O2 GOL H . -3.59 9.01 16.80
O2 GOL H . -3.00 9.64 16.86
C3 GOL H . -2.15 8.15 15.10
C3 GOL H . -2.81 8.11 14.98
O3 GOL H . -3.34 7.66 14.52
O3 GOL H . -4.11 7.65 15.34
C ACT I . -12.64 12.75 -10.88
O ACT I . -13.76 12.53 -11.43
OXT ACT I . -11.92 11.80 -10.53
CH3 ACT I . -12.17 14.24 -10.61
O1 PG4 J . -10.72 3.40 1.52
O1 PG4 J . -10.72 3.37 1.51
C1 PG4 J . -9.77 2.57 0.88
C1 PG4 J . -9.75 2.56 0.87
C2 PG4 J . -9.22 3.18 -0.37
C2 PG4 J . -9.21 3.18 -0.38
O2 PG4 J . -10.18 3.09 -1.42
O2 PG4 J . -10.17 3.08 -1.43
C3 PG4 J . -9.99 4.06 -2.44
C3 PG4 J . -10.01 4.08 -2.43
C4 PG4 J . -11.09 3.95 -3.44
C4 PG4 J . -11.11 3.96 -3.43
O3 PG4 J . -11.93 5.09 -3.35
O3 PG4 J . -11.94 5.11 -3.35
C5 PG4 J . -13.01 5.06 -4.29
C5 PG4 J . -13.01 5.07 -4.29
C6 PG4 J . -14.16 5.85 -3.75
C6 PG4 J . -14.16 5.89 -3.78
O4 PG4 J . -14.63 5.25 -2.55
O4 PG4 J . -14.69 5.26 -2.62
C7 PG4 J . -15.78 5.90 -2.02
C7 PG4 J . -15.73 6.01 -2.00
C8 PG4 J . -16.16 5.25 -0.73
C8 PG4 J . -16.14 5.37 -0.72
O5 PG4 J . -15.13 5.30 0.23
O5 PG4 J . -15.07 5.30 0.22
NA NA K . -13.31 3.27 -0.66
NA NA K . -13.19 3.65 -0.32
#